data_5T39
#
_entry.id   5T39
#
_cell.length_a   50.222
_cell.length_b   41.270
_cell.length_c   58.504
_cell.angle_alpha   90.000
_cell.angle_beta   98.580
_cell.angle_gamma   90.000
#
_symmetry.space_group_name_H-M   'P 1 21 1'
#
loop_
_entity.id
_entity.type
_entity.pdbx_description
1 polymer EvdMO1
2 non-polymer S-ADENOSYL-L-HOMOCYSTEINE
3 water water
#
_entity_poly.entity_id   1
_entity_poly.type   'polypeptide(L)'
_entity_poly.pdbx_seq_one_letter_code
;MGSSHHHHHHSSGLVPRGSHMMDRREIQRRAKELEPWVNGFEFEGIRYAEGSDHGYLLSQDPADRARAFYEAFPGATRIL
ELGALEGADTLALARQPGTSILGLEGREENLRRAEFVMEVHGATNVELRIADVETLDFATLGRFDAVLCAGLLYHVREPW
ALLKDAARVSAGIYLSTHYWGSSDGLETLDGYSVKHVREEHPEPQARGLSVDVRWLDRASLFAALENAGFVEIEVLHERT
SAEVCDIVVVGRAR
;
_entity_poly.pdbx_strand_id   A
#
# COMPACT_ATOMS: atom_id res chain seq x y z
N ARG A 17 -20.42 28.29 1.39
CA ARG A 17 -19.79 26.95 1.51
C ARG A 17 -20.83 25.86 1.35
N GLY A 18 -20.62 25.00 0.34
CA GLY A 18 -21.59 23.99 0.01
C GLY A 18 -21.88 23.04 1.15
N SER A 19 -23.11 22.53 1.20
CA SER A 19 -23.55 21.70 2.30
C SER A 19 -22.79 20.38 2.38
N HIS A 20 -22.16 19.94 1.29
CA HIS A 20 -21.37 18.72 1.29
C HIS A 20 -20.00 18.90 1.92
N MET A 21 -19.60 20.13 2.22
CA MET A 21 -18.27 20.40 2.74
C MET A 21 -18.25 20.30 4.26
N MET A 22 -17.16 19.80 4.80
CA MET A 22 -16.92 19.89 6.23
C MET A 22 -16.57 21.33 6.58
N ASP A 23 -17.05 21.81 7.72
CA ASP A 23 -16.69 23.15 8.16
C ASP A 23 -15.17 23.24 8.33
N ARG A 24 -14.57 24.35 7.91
CA ARG A 24 -13.13 24.52 8.12
C ARG A 24 -12.76 24.44 9.58
N ARG A 25 -13.63 24.93 10.47
CA ARG A 25 -13.35 24.84 11.91
C ARG A 25 -13.18 23.39 12.33
N GLU A 26 -14.00 22.52 11.79
CA GLU A 26 -13.98 21.11 12.13
C GLU A 26 -12.81 20.39 11.44
N ILE A 27 -12.51 20.76 10.19
CA ILE A 27 -11.31 20.25 9.54
C ILE A 27 -10.10 20.54 10.41
N GLN A 28 -10.00 21.79 10.87
CA GLN A 28 -8.88 22.19 11.71
C GLN A 28 -8.85 21.40 13.02
N ARG A 29 -9.98 21.30 13.70
CA ARG A 29 -10.02 20.63 14.99
C ARG A 29 -9.63 19.17 14.83
N ARG A 30 -10.20 18.50 13.85
N ARG A 30 -10.21 18.49 13.85
CA ARG A 30 -10.00 17.07 13.71
CA ARG A 30 -9.99 17.07 13.70
C ARG A 30 -8.60 16.77 13.20
C ARG A 30 -8.60 16.76 13.19
N ALA A 31 -8.08 17.56 12.25
CA ALA A 31 -6.71 17.35 11.78
C ALA A 31 -5.73 17.49 12.93
N LYS A 32 -5.99 18.43 13.83
CA LYS A 32 -5.12 18.61 15.00
C LYS A 32 -5.22 17.42 15.95
N GLU A 33 -6.44 16.96 16.21
CA GLU A 33 -6.64 15.81 17.08
C GLU A 33 -5.93 14.58 16.55
N LEU A 34 -5.81 14.47 15.23
CA LEU A 34 -5.19 13.30 14.59
C LEU A 34 -3.66 13.38 14.52
N GLU A 35 -3.05 14.49 14.92
CA GLU A 35 -1.60 14.57 14.91
C GLU A 35 -1.02 13.54 15.87
N PRO A 36 0.18 12.99 15.58
CA PRO A 36 1.05 13.37 14.46
C PRO A 36 0.71 12.64 13.16
N TRP A 37 0.70 13.38 12.06
CA TRP A 37 0.57 12.82 10.74
C TRP A 37 1.93 12.38 10.20
N VAL A 38 1.88 11.41 9.28
CA VAL A 38 3.06 10.95 8.58
C VAL A 38 3.33 11.79 7.34
N ASN A 39 2.30 12.07 6.56
CA ASN A 39 2.50 12.84 5.34
C ASN A 39 1.84 14.20 5.38
N GLY A 40 1.32 14.59 6.52
CA GLY A 40 0.72 15.90 6.68
C GLY A 40 -0.66 15.94 6.08
N PHE A 41 -1.29 17.10 6.21
CA PHE A 41 -2.66 17.27 5.71
C PHE A 41 -2.86 18.72 5.29
N GLU A 42 -3.30 18.89 4.05
CA GLU A 42 -3.60 20.19 3.49
CA GLU A 42 -3.63 20.20 3.54
C GLU A 42 -4.93 20.10 2.74
N PHE A 43 -5.72 21.17 2.81
CA PHE A 43 -6.98 21.19 2.08
C PHE A 43 -7.35 22.65 1.85
N GLU A 44 -7.81 22.96 0.63
CA GLU A 44 -8.17 24.33 0.26
C GLU A 44 -7.01 25.30 0.46
N GLY A 45 -5.78 24.83 0.24
CA GLY A 45 -4.63 25.70 0.36
C GLY A 45 -4.22 25.99 1.78
N ILE A 46 -4.81 25.31 2.76
CA ILE A 46 -4.50 25.49 4.17
C ILE A 46 -3.74 24.26 4.63
N ARG A 47 -2.54 24.46 5.15
CA ARG A 47 -1.72 23.37 5.68
C ARG A 47 -2.08 23.22 7.14
N TYR A 48 -2.85 22.19 7.44
CA TYR A 48 -3.30 21.96 8.80
C TYR A 48 -2.26 21.22 9.63
N ALA A 49 -1.56 20.27 9.04
CA ALA A 49 -0.63 19.43 9.78
C ALA A 49 0.55 19.10 8.89
N GLU A 50 1.71 19.01 9.50
CA GLU A 50 2.95 18.64 8.83
C GLU A 50 3.20 17.15 9.01
N GLY A 51 3.96 16.60 8.07
CA GLY A 51 4.33 15.21 8.12
C GLY A 51 5.67 15.01 8.77
N SER A 52 6.13 13.76 8.73
CA SER A 52 7.31 13.39 9.48
C SER A 52 8.57 13.64 8.68
N ASP A 53 9.70 13.39 9.34
CA ASP A 53 11.01 13.57 8.72
C ASP A 53 11.24 12.56 7.61
N HIS A 54 10.52 11.44 7.61
CA HIS A 54 10.74 10.36 6.66
C HIS A 54 9.58 10.21 5.66
N GLN A 60 6.16 7.81 -4.17
CA GLN A 60 5.77 8.53 -5.36
C GLN A 60 4.57 9.44 -5.11
N ASP A 61 4.51 10.56 -5.83
CA ASP A 61 3.33 11.40 -5.82
C ASP A 61 2.09 10.54 -6.08
N PRO A 62 1.05 10.61 -5.25
CA PRO A 62 -0.11 9.73 -5.45
C PRO A 62 -0.74 9.84 -6.83
N ALA A 63 -0.85 11.05 -7.40
CA ALA A 63 -1.45 11.18 -8.72
C ALA A 63 -0.62 10.48 -9.77
N ASP A 64 0.71 10.57 -9.67
CA ASP A 64 1.58 9.88 -10.62
C ASP A 64 1.50 8.36 -10.45
N ARG A 65 1.40 7.89 -9.20
CA ARG A 65 1.27 6.45 -8.98
C ARG A 65 -0.05 5.94 -9.55
N ALA A 66 -1.13 6.67 -9.32
CA ALA A 66 -2.42 6.26 -9.86
C ALA A 66 -2.38 6.22 -11.38
N ARG A 67 -1.71 7.19 -12.01
CA ARG A 67 -1.59 7.17 -13.47
CA ARG A 67 -1.60 7.17 -13.46
C ARG A 67 -0.89 5.91 -13.93
N ALA A 68 0.22 5.56 -13.28
CA ALA A 68 0.95 4.35 -13.67
C ALA A 68 0.10 3.11 -13.43
N PHE A 69 -0.63 3.09 -12.31
CA PHE A 69 -1.47 1.94 -11.99
C PHE A 69 -2.53 1.72 -13.08
N TYR A 70 -3.19 2.80 -13.50
CA TYR A 70 -4.23 2.69 -14.51
C TYR A 70 -3.67 2.56 -15.93
N GLU A 71 -2.40 2.89 -16.15
CA GLU A 71 -1.75 2.48 -17.39
C GLU A 71 -1.61 0.96 -17.44
N ALA A 72 -1.30 0.35 -16.31
CA ALA A 72 -1.15 -1.10 -16.23
C ALA A 72 -2.50 -1.81 -16.27
N PHE A 73 -3.52 -1.23 -15.62
CA PHE A 73 -4.83 -1.87 -15.43
C PHE A 73 -5.93 -0.91 -15.88
N PRO A 74 -6.00 -0.61 -17.17
CA PRO A 74 -6.95 0.42 -17.63
C PRO A 74 -8.40 0.06 -17.41
N GLY A 75 -8.74 -1.22 -17.42
CA GLY A 75 -10.11 -1.64 -17.21
C GLY A 75 -10.51 -1.80 -15.76
N ALA A 76 -9.63 -1.50 -14.79
CA ALA A 76 -9.94 -1.80 -13.40
C ALA A 76 -11.10 -0.96 -12.88
N THR A 77 -12.08 -1.65 -12.30
CA THR A 77 -13.20 -1.00 -11.63
C THR A 77 -13.32 -1.35 -10.16
N ARG A 78 -12.61 -2.36 -9.69
CA ARG A 78 -12.65 -2.75 -8.28
CA ARG A 78 -12.62 -2.68 -8.26
C ARG A 78 -11.20 -3.04 -7.88
N ILE A 79 -10.65 -2.25 -6.96
CA ILE A 79 -9.23 -2.29 -6.60
C ILE A 79 -9.10 -2.56 -5.11
N LEU A 80 -8.09 -3.35 -4.76
CA LEU A 80 -7.70 -3.59 -3.38
C LEU A 80 -6.37 -2.91 -3.15
N GLU A 81 -6.29 -2.04 -2.13
CA GLU A 81 -5.05 -1.37 -1.76
C GLU A 81 -4.62 -1.90 -0.39
N LEU A 82 -3.37 -2.33 -0.29
CA LEU A 82 -2.85 -2.89 0.95
C LEU A 82 -1.90 -1.90 1.63
N GLY A 83 -2.15 -1.61 2.90
CA GLY A 83 -1.32 -0.66 3.63
C GLY A 83 -1.63 0.78 3.26
N ALA A 84 -2.89 1.19 3.42
CA ALA A 84 -3.37 2.46 2.90
C ALA A 84 -2.86 3.69 3.65
N LEU A 85 -2.28 3.53 4.84
CA LEU A 85 -1.70 4.63 5.59
C LEU A 85 -2.73 5.73 5.85
N GLU A 86 -2.57 6.92 5.25
CA GLU A 86 -3.45 8.06 5.44
C GLU A 86 -4.34 8.31 4.24
N GLY A 87 -4.45 7.32 3.37
CA GLY A 87 -5.40 7.35 2.26
C GLY A 87 -4.97 8.13 1.04
N ALA A 88 -3.72 8.55 0.93
CA ALA A 88 -3.33 9.40 -0.19
C ALA A 88 -3.45 8.67 -1.53
N ASP A 89 -2.94 7.42 -1.60
CA ASP A 89 -3.09 6.66 -2.84
C ASP A 89 -4.55 6.26 -3.05
N THR A 90 -5.25 5.94 -1.96
CA THR A 90 -6.65 5.55 -2.06
C THR A 90 -7.46 6.65 -2.71
N LEU A 91 -7.25 7.88 -2.26
CA LEU A 91 -7.95 9.03 -2.83
C LEU A 91 -7.59 9.23 -4.29
N ALA A 92 -6.30 9.14 -4.63
CA ALA A 92 -5.88 9.31 -6.02
C ALA A 92 -6.49 8.26 -6.93
N LEU A 93 -6.55 7.01 -6.47
CA LEU A 93 -7.16 5.94 -7.26
C LEU A 93 -8.66 6.14 -7.42
N ALA A 94 -9.30 6.81 -6.48
CA ALA A 94 -10.74 6.95 -6.48
C ALA A 94 -11.23 8.13 -7.30
N ARG A 95 -10.32 8.92 -7.86
CA ARG A 95 -10.73 10.12 -8.59
C ARG A 95 -11.68 9.79 -9.72
N GLN A 96 -11.43 8.71 -10.44
CA GLN A 96 -12.26 8.34 -11.57
C GLN A 96 -13.55 7.71 -11.04
N PRO A 97 -14.72 8.26 -11.37
CA PRO A 97 -15.94 7.53 -11.05
C PRO A 97 -15.98 6.26 -11.87
N GLY A 98 -16.73 5.30 -11.37
CA GLY A 98 -16.73 3.98 -11.95
C GLY A 98 -15.74 3.01 -11.36
N THR A 99 -14.80 3.45 -10.51
CA THR A 99 -13.89 2.52 -9.83
C THR A 99 -14.07 2.62 -8.31
N SER A 100 -14.24 1.47 -7.65
CA SER A 100 -14.40 1.37 -6.21
CA SER A 100 -14.38 1.39 -6.21
C SER A 100 -13.11 0.80 -5.63
N ILE A 101 -12.73 1.29 -4.45
CA ILE A 101 -11.47 0.91 -3.82
C ILE A 101 -11.78 0.39 -2.42
N LEU A 102 -11.16 -0.73 -2.06
CA LEU A 102 -11.10 -1.19 -0.68
C LEU A 102 -9.67 -1.02 -0.22
N GLY A 103 -9.46 -0.17 0.78
CA GLY A 103 -8.14 0.05 1.36
C GLY A 103 -8.05 -0.60 2.74
N LEU A 104 -7.02 -1.40 2.93
CA LEU A 104 -6.78 -2.09 4.18
C LEU A 104 -5.60 -1.44 4.89
N GLU A 105 -5.73 -1.25 6.20
CA GLU A 105 -4.68 -0.60 6.97
C GLU A 105 -4.58 -1.28 8.33
N GLY A 106 -3.37 -1.58 8.76
CA GLY A 106 -3.16 -2.32 9.98
C GLY A 106 -3.09 -1.53 11.26
N ARG A 107 -2.84 -0.22 11.20
CA ARG A 107 -2.69 0.61 12.38
C ARG A 107 -3.91 1.50 12.53
N GLU A 108 -4.62 1.37 13.64
CA GLU A 108 -5.86 2.10 13.83
C GLU A 108 -5.64 3.61 13.74
N GLU A 109 -4.52 4.11 14.26
CA GLU A 109 -4.28 5.55 14.22
CA GLU A 109 -4.29 5.56 14.22
C GLU A 109 -4.15 6.05 12.79
N ASN A 110 -3.52 5.27 11.92
CA ASN A 110 -3.41 5.65 10.51
C ASN A 110 -4.78 5.60 9.86
N LEU A 111 -5.52 4.53 10.11
CA LEU A 111 -6.85 4.36 9.53
C LEU A 111 -7.75 5.53 9.85
N ARG A 112 -7.71 6.02 11.10
CA ARG A 112 -8.56 7.14 11.47
C ARG A 112 -8.23 8.38 10.64
N ARG A 113 -6.95 8.61 10.36
CA ARG A 113 -6.55 9.68 9.45
C ARG A 113 -7.12 9.50 8.06
N ALA A 114 -6.95 8.29 7.51
CA ALA A 114 -7.46 7.99 6.18
C ALA A 114 -8.97 8.18 6.11
N GLU A 115 -9.70 7.77 7.13
CA GLU A 115 -11.15 7.94 7.14
C GLU A 115 -11.53 9.41 7.13
N PHE A 116 -10.80 10.23 7.89
CA PHE A 116 -11.03 11.67 7.88
C PHE A 116 -10.77 12.25 6.49
N VAL A 117 -9.67 11.85 5.86
CA VAL A 117 -9.36 12.33 4.52
C VAL A 117 -10.52 12.03 3.56
N MET A 118 -11.03 10.79 3.61
CA MET A 118 -12.11 10.44 2.69
C MET A 118 -13.36 11.26 2.97
N GLU A 119 -13.66 11.51 4.23
CA GLU A 119 -14.83 12.32 4.59
CA GLU A 119 -14.84 12.32 4.57
C GLU A 119 -14.67 13.75 4.08
N VAL A 120 -13.50 14.35 4.30
CA VAL A 120 -13.27 15.73 3.86
C VAL A 120 -13.44 15.85 2.36
N HIS A 121 -12.95 14.86 1.61
CA HIS A 121 -12.97 14.88 0.16
C HIS A 121 -14.26 14.31 -0.44
N GLY A 122 -15.15 13.76 0.37
CA GLY A 122 -16.38 13.17 -0.17
C GLY A 122 -16.15 11.97 -1.07
N ALA A 123 -15.16 11.14 -0.75
CA ALA A 123 -14.76 10.02 -1.60
C ALA A 123 -15.60 8.78 -1.28
N THR A 124 -16.83 8.76 -1.78
CA THR A 124 -17.80 7.73 -1.42
C THR A 124 -17.53 6.39 -2.09
N ASN A 125 -16.67 6.32 -3.11
CA ASN A 125 -16.30 5.08 -3.76
C ASN A 125 -15.12 4.39 -3.09
N VAL A 126 -14.78 4.79 -1.86
CA VAL A 126 -13.73 4.20 -1.06
C VAL A 126 -14.34 3.56 0.18
N GLU A 127 -13.90 2.35 0.51
CA GLU A 127 -14.11 1.76 1.81
C GLU A 127 -12.75 1.50 2.42
N LEU A 128 -12.59 1.84 3.70
CA LEU A 128 -11.37 1.58 4.44
C LEU A 128 -11.70 0.61 5.57
N ARG A 129 -10.79 -0.32 5.84
CA ARG A 129 -10.99 -1.29 6.91
C ARG A 129 -9.69 -1.56 7.62
N ILE A 130 -9.78 -1.74 8.93
CA ILE A 130 -8.65 -2.27 9.69
C ILE A 130 -8.43 -3.71 9.26
N ALA A 131 -7.17 -4.10 9.11
CA ALA A 131 -6.82 -5.48 8.80
C ALA A 131 -5.32 -5.64 8.99
N ASP A 132 -4.94 -6.84 9.42
CA ASP A 132 -3.55 -7.26 9.44
C ASP A 132 -3.37 -8.23 8.27
N VAL A 133 -2.64 -7.81 7.25
CA VAL A 133 -2.50 -8.65 6.06
C VAL A 133 -1.81 -9.98 6.36
N GLU A 134 -1.09 -10.09 7.48
CA GLU A 134 -0.43 -11.34 7.82
C GLU A 134 -1.41 -12.38 8.38
N THR A 135 -2.60 -11.97 8.82
CA THR A 135 -3.56 -12.91 9.39
C THR A 135 -4.92 -12.91 8.72
N LEU A 136 -5.22 -11.91 7.90
CA LEU A 136 -6.52 -11.81 7.25
C LEU A 136 -6.75 -12.99 6.31
N ASP A 137 -7.98 -13.49 6.28
CA ASP A 137 -8.41 -14.47 5.28
C ASP A 137 -8.82 -13.70 4.02
N PHE A 138 -7.91 -13.65 3.04
CA PHE A 138 -8.19 -12.87 1.83
C PHE A 138 -9.36 -13.43 1.03
N ALA A 139 -9.71 -14.71 1.21
CA ALA A 139 -10.84 -15.29 0.51
C ALA A 139 -12.18 -14.67 0.92
N THR A 140 -12.20 -13.86 1.98
CA THR A 140 -13.42 -13.17 2.39
C THR A 140 -13.64 -11.86 1.63
N LEU A 141 -12.70 -11.42 0.81
CA LEU A 141 -12.74 -10.09 0.24
C LEU A 141 -13.39 -10.01 -1.13
N GLY A 142 -13.65 -11.12 -1.78
CA GLY A 142 -14.14 -11.09 -3.13
C GLY A 142 -13.02 -10.95 -4.13
N ARG A 143 -13.38 -10.49 -5.34
CA ARG A 143 -12.47 -10.42 -6.46
C ARG A 143 -12.17 -8.97 -6.80
N PHE A 144 -10.95 -8.72 -7.23
CA PHE A 144 -10.50 -7.39 -7.62
C PHE A 144 -9.83 -7.47 -8.98
N ASP A 145 -9.95 -6.40 -9.74
CA ASP A 145 -9.25 -6.32 -11.00
C ASP A 145 -7.74 -6.21 -10.80
N ALA A 146 -7.31 -5.58 -9.72
CA ALA A 146 -5.89 -5.44 -9.44
C ALA A 146 -5.72 -5.05 -7.99
N VAL A 147 -4.52 -5.33 -7.48
CA VAL A 147 -4.11 -5.05 -6.12
C VAL A 147 -2.95 -4.06 -6.16
N LEU A 148 -3.04 -3.00 -5.37
CA LEU A 148 -1.93 -2.08 -5.15
C LEU A 148 -1.24 -2.52 -3.86
N CYS A 149 0.06 -2.82 -3.96
CA CYS A 149 0.86 -3.24 -2.81
C CYS A 149 2.16 -2.46 -2.83
N ALA A 150 2.13 -1.26 -2.26
CA ALA A 150 3.27 -0.36 -2.26
C ALA A 150 3.72 -0.12 -0.82
N GLY A 151 5.03 -0.11 -0.63
CA GLY A 151 5.55 0.25 0.68
C GLY A 151 5.21 -0.72 1.79
N LEU A 152 4.91 -1.98 1.47
CA LEU A 152 4.38 -2.92 2.44
C LEU A 152 5.14 -4.23 2.51
N LEU A 153 5.65 -4.72 1.38
CA LEU A 153 6.15 -6.09 1.35
C LEU A 153 7.30 -6.30 2.30
N TYR A 154 8.08 -5.26 2.58
CA TYR A 154 9.23 -5.31 3.47
C TYR A 154 8.85 -5.03 4.92
N HIS A 155 7.56 -5.04 5.23
CA HIS A 155 7.05 -4.91 6.59
C HIS A 155 6.38 -6.20 7.10
N VAL A 156 6.53 -7.32 6.40
CA VAL A 156 5.91 -8.57 6.81
C VAL A 156 6.97 -9.66 6.98
N ARG A 157 6.59 -10.69 7.73
CA ARG A 157 7.48 -11.82 8.00
C ARG A 157 7.63 -12.76 6.83
N GLU A 158 6.57 -12.96 6.03
CA GLU A 158 6.53 -13.96 4.97
C GLU A 158 6.05 -13.28 3.70
N PRO A 159 6.91 -12.50 3.05
CA PRO A 159 6.47 -11.72 1.89
C PRO A 159 5.88 -12.58 0.77
N TRP A 160 6.41 -13.79 0.55
CA TRP A 160 5.85 -14.68 -0.48
C TRP A 160 4.38 -14.97 -0.21
N ALA A 161 3.98 -15.05 1.05
CA ALA A 161 2.60 -15.36 1.39
C ALA A 161 1.69 -14.17 1.09
N LEU A 162 2.18 -12.95 1.26
CA LEU A 162 1.38 -11.80 0.88
C LEU A 162 1.13 -11.78 -0.62
N LEU A 163 2.14 -12.16 -1.41
CA LEU A 163 1.95 -12.24 -2.85
C LEU A 163 0.93 -13.31 -3.21
N LYS A 164 0.99 -14.47 -2.53
CA LYS A 164 -0.02 -15.49 -2.75
C LYS A 164 -1.41 -14.98 -2.41
N ASP A 165 -1.53 -14.22 -1.33
CA ASP A 165 -2.84 -13.68 -0.95
C ASP A 165 -3.38 -12.73 -2.01
N ALA A 166 -2.51 -11.90 -2.59
CA ALA A 166 -2.96 -11.05 -3.69
C ALA A 166 -3.48 -11.88 -4.85
N ALA A 167 -2.77 -12.96 -5.18
CA ALA A 167 -3.19 -13.85 -6.26
C ALA A 167 -4.50 -14.56 -5.94
N ARG A 168 -4.82 -14.75 -4.67
N ARG A 168 -4.80 -14.76 -4.66
CA ARG A 168 -6.08 -15.40 -4.35
CA ARG A 168 -6.08 -15.37 -4.29
C ARG A 168 -7.28 -14.54 -4.76
C ARG A 168 -7.24 -14.55 -4.82
N VAL A 169 -7.10 -13.23 -4.82
CA VAL A 169 -8.21 -12.32 -5.07
C VAL A 169 -8.13 -11.59 -6.40
N SER A 170 -7.02 -11.69 -7.13
CA SER A 170 -6.83 -10.86 -8.31
C SER A 170 -5.79 -11.48 -9.24
N ALA A 171 -5.83 -11.04 -10.49
CA ALA A 171 -4.85 -11.45 -11.49
C ALA A 171 -3.83 -10.37 -11.77
N GLY A 172 -3.87 -9.25 -11.05
CA GLY A 172 -2.93 -8.18 -11.27
C GLY A 172 -2.42 -7.60 -9.98
N ILE A 173 -1.12 -7.28 -9.93
CA ILE A 173 -0.55 -6.59 -8.78
C ILE A 173 0.38 -5.49 -9.27
N TYR A 174 0.29 -4.33 -8.64
CA TYR A 174 1.25 -3.25 -8.80
C TYR A 174 2.05 -3.25 -7.50
N LEU A 175 3.30 -3.69 -7.58
CA LEU A 175 4.13 -3.94 -6.41
C LEU A 175 5.30 -2.96 -6.40
N SER A 176 5.40 -2.17 -5.33
CA SER A 176 6.55 -1.30 -5.12
C SER A 176 7.17 -1.72 -3.80
N THR A 177 8.45 -2.13 -3.85
CA THR A 177 9.09 -2.69 -2.67
C THR A 177 10.59 -2.50 -2.73
N HIS A 178 11.20 -2.56 -1.55
CA HIS A 178 12.63 -2.83 -1.49
C HIS A 178 12.90 -4.34 -1.56
N TYR A 179 14.13 -4.65 -1.94
CA TYR A 179 14.67 -6.00 -1.82
C TYR A 179 16.13 -5.85 -1.45
N TRP A 180 16.76 -6.94 -1.05
CA TRP A 180 18.14 -6.91 -0.58
C TRP A 180 19.07 -7.32 -1.71
N GLY A 181 20.15 -6.55 -1.89
CA GLY A 181 21.01 -6.64 -3.05
C GLY A 181 22.06 -7.72 -3.07
N SER A 182 22.13 -8.55 -2.04
CA SER A 182 23.11 -9.62 -1.95
C SER A 182 22.42 -10.90 -1.51
N SER A 183 23.00 -12.02 -1.88
CA SER A 183 22.54 -13.31 -1.41
C SER A 183 23.45 -13.88 -0.34
N ASP A 184 24.57 -13.23 -0.06
CA ASP A 184 25.56 -13.80 0.84
C ASP A 184 25.04 -13.82 2.27
N GLY A 185 25.13 -14.99 2.90
CA GLY A 185 24.82 -15.07 4.30
C GLY A 185 23.35 -15.02 4.63
N LEU A 186 22.47 -15.13 3.64
CA LEU A 186 21.04 -15.06 3.92
C LEU A 186 20.55 -16.39 4.45
N GLU A 187 19.43 -16.32 5.15
CA GLU A 187 18.73 -17.51 5.64
C GLU A 187 17.83 -18.05 4.54
N THR A 188 17.19 -19.17 4.81
CA THR A 188 16.33 -19.82 3.84
C THR A 188 15.03 -20.20 4.54
N LEU A 189 13.89 -19.80 3.95
CA LEU A 189 12.59 -20.17 4.49
C LEU A 189 11.67 -20.40 3.30
N ASP A 190 10.96 -21.53 3.30
CA ASP A 190 10.17 -21.96 2.14
C ASP A 190 11.00 -21.86 0.85
N GLY A 191 12.28 -22.22 0.96
CA GLY A 191 13.15 -22.21 -0.20
C GLY A 191 13.57 -20.84 -0.70
N TYR A 192 13.13 -19.76 -0.07
CA TYR A 192 13.48 -18.41 -0.46
C TYR A 192 14.65 -17.92 0.38
N SER A 193 15.53 -17.14 -0.24
CA SER A 193 16.64 -16.52 0.46
C SER A 193 16.18 -15.21 1.09
N VAL A 194 16.38 -15.09 2.40
CA VAL A 194 15.77 -14.04 3.20
C VAL A 194 16.78 -13.36 4.10
N LYS A 195 16.63 -12.04 4.24
CA LYS A 195 17.31 -11.25 5.23
C LYS A 195 16.31 -11.02 6.35
N HIS A 196 16.54 -11.66 7.49
CA HIS A 196 15.59 -11.69 8.60
C HIS A 196 16.08 -10.71 9.65
N VAL A 197 15.33 -9.64 9.85
CA VAL A 197 15.78 -8.55 10.71
C VAL A 197 14.64 -8.05 11.59
N ARG A 198 15.02 -7.37 12.66
CA ARG A 198 14.05 -6.70 13.51
C ARG A 198 13.40 -5.56 12.72
N GLU A 199 12.11 -5.34 12.95
CA GLU A 199 11.41 -4.24 12.29
C GLU A 199 11.83 -2.92 12.95
N GLU A 200 12.64 -2.15 12.23
CA GLU A 200 13.14 -0.87 12.74
C GLU A 200 13.02 0.22 11.69
N HIS A 201 12.03 0.13 10.82
CA HIS A 201 11.85 1.16 9.81
C HIS A 201 11.85 2.53 10.48
N PRO A 202 12.48 3.54 9.89
CA PRO A 202 12.61 4.83 10.59
C PRO A 202 11.31 5.55 10.90
N GLU A 203 10.23 5.29 10.17
CA GLU A 203 8.94 5.92 10.45
C GLU A 203 8.15 4.98 11.32
N PRO A 204 7.97 5.24 12.62
CA PRO A 204 7.28 4.27 13.46
C PRO A 204 5.89 3.92 12.98
N GLN A 205 5.16 4.87 12.39
CA GLN A 205 3.79 4.62 11.99
C GLN A 205 3.71 3.89 10.66
N ALA A 206 4.84 3.56 10.04
CA ALA A 206 4.88 2.73 8.83
C ALA A 206 5.28 1.30 9.14
N ARG A 207 5.63 1.00 10.38
CA ARG A 207 6.18 -0.30 10.70
C ARG A 207 5.12 -1.39 10.58
N GLY A 208 5.62 -2.59 10.32
CA GLY A 208 4.82 -3.78 10.35
C GLY A 208 4.29 -4.08 11.74
N LEU A 209 3.46 -5.11 11.81
CA LEU A 209 2.77 -5.49 13.03
C LEU A 209 3.46 -6.62 13.77
N SER A 210 4.52 -7.19 13.21
CA SER A 210 5.33 -8.18 13.90
C SER A 210 6.63 -7.54 14.37
N VAL A 211 7.34 -8.21 15.28
CA VAL A 211 8.61 -7.65 15.75
C VAL A 211 9.68 -7.71 14.68
N ASP A 212 9.50 -8.59 13.68
CA ASP A 212 10.50 -8.89 12.67
C ASP A 212 9.88 -8.78 11.27
N VAL A 213 10.78 -8.72 10.29
CA VAL A 213 10.42 -8.74 8.88
C VAL A 213 11.43 -9.61 8.15
N ARG A 214 11.08 -10.01 6.92
CA ARG A 214 12.04 -10.67 6.04
C ARG A 214 12.07 -9.95 4.71
N TRP A 215 13.24 -9.53 4.29
CA TRP A 215 13.46 -9.03 2.94
C TRP A 215 13.92 -10.19 2.07
N LEU A 216 13.64 -10.11 0.78
CA LEU A 216 14.04 -11.11 -0.21
C LEU A 216 15.22 -10.59 -1.01
N ASP A 217 16.08 -11.52 -1.48
CA ASP A 217 16.98 -11.14 -2.56
C ASP A 217 16.20 -11.10 -3.87
N ARG A 218 16.84 -10.62 -4.95
CA ARG A 218 16.10 -10.39 -6.17
C ARG A 218 15.56 -11.68 -6.74
N ALA A 219 16.39 -12.73 -6.78
CA ALA A 219 15.93 -13.99 -7.35
C ALA A 219 14.75 -14.53 -6.58
N SER A 220 14.77 -14.39 -5.25
CA SER A 220 13.68 -14.93 -4.45
C SER A 220 12.42 -14.09 -4.61
N LEU A 221 12.56 -12.77 -4.79
CA LEU A 221 11.39 -11.94 -5.07
C LEU A 221 10.72 -12.37 -6.35
N PHE A 222 11.50 -12.56 -7.42
CA PHE A 222 10.91 -12.97 -8.68
C PHE A 222 10.35 -14.38 -8.60
N ALA A 223 11.04 -15.28 -7.89
CA ALA A 223 10.48 -16.62 -7.70
C ALA A 223 9.17 -16.57 -6.92
N ALA A 224 9.09 -15.73 -5.89
CA ALA A 224 7.87 -15.63 -5.09
C ALA A 224 6.72 -15.09 -5.92
N LEU A 225 6.99 -14.13 -6.80
CA LEU A 225 5.96 -13.64 -7.71
C LEU A 225 5.49 -14.76 -8.62
N GLU A 226 6.44 -15.47 -9.25
N GLU A 226 6.41 -15.49 -9.25
CA GLU A 226 6.10 -16.58 -10.14
CA GLU A 226 5.99 -16.55 -10.15
C GLU A 226 5.29 -17.64 -9.42
C GLU A 226 5.24 -17.64 -9.40
N ASN A 227 5.73 -18.01 -8.21
CA ASN A 227 5.09 -19.10 -7.49
C ASN A 227 3.70 -18.73 -7.01
N ALA A 228 3.44 -17.43 -6.81
CA ALA A 228 2.09 -16.98 -6.49
C ALA A 228 1.17 -17.02 -7.70
N GLY A 229 1.73 -17.10 -8.90
CA GLY A 229 0.96 -17.11 -10.14
C GLY A 229 1.17 -15.90 -11.01
N PHE A 230 1.94 -14.91 -10.58
CA PHE A 230 2.22 -13.72 -11.38
C PHE A 230 3.38 -14.06 -12.32
N VAL A 231 3.02 -14.75 -13.39
CA VAL A 231 3.99 -15.33 -14.31
C VAL A 231 4.48 -14.32 -15.35
N GLU A 232 3.77 -13.22 -15.55
CA GLU A 232 4.23 -12.16 -16.42
C GLU A 232 4.58 -10.97 -15.53
N ILE A 233 5.85 -10.57 -15.53
CA ILE A 233 6.33 -9.50 -14.66
C ILE A 233 6.94 -8.40 -15.53
N GLU A 234 6.44 -7.17 -15.39
CA GLU A 234 6.94 -5.98 -16.09
C GLU A 234 7.62 -5.09 -15.06
N VAL A 235 8.90 -4.80 -15.26
CA VAL A 235 9.62 -3.91 -14.36
C VAL A 235 9.43 -2.49 -14.84
N LEU A 236 8.84 -1.64 -13.99
CA LEU A 236 8.63 -0.23 -14.32
C LEU A 236 9.79 0.65 -13.86
N HIS A 237 10.46 0.28 -12.78
CA HIS A 237 11.53 1.07 -12.21
C HIS A 237 12.39 0.15 -11.37
N GLU A 238 13.69 0.37 -11.39
CA GLU A 238 14.58 -0.39 -10.51
C GLU A 238 15.83 0.42 -10.21
N ARG A 239 16.22 0.42 -8.94
CA ARG A 239 17.48 1.01 -8.49
C ARG A 239 18.22 -0.05 -7.71
N THR A 240 19.44 -0.36 -8.12
CA THR A 240 20.18 -1.42 -7.48
C THR A 240 21.34 -0.89 -6.66
N SER A 241 21.67 -1.66 -5.63
CA SER A 241 22.86 -1.49 -4.82
C SER A 241 23.19 -2.84 -4.22
N ALA A 242 24.36 -2.92 -3.59
CA ALA A 242 24.71 -4.13 -2.86
C ALA A 242 23.85 -4.34 -1.64
N GLU A 243 23.17 -3.29 -1.16
CA GLU A 243 22.36 -3.36 0.04
C GLU A 243 20.90 -3.12 -0.34
N VAL A 244 20.36 -1.96 0.03
CA VAL A 244 18.93 -1.71 -0.23
C VAL A 244 18.73 -1.42 -1.72
N CYS A 245 17.86 -2.20 -2.35
CA CYS A 245 17.43 -2.00 -3.72
C CYS A 245 15.96 -1.59 -3.73
N ASP A 246 15.54 -0.93 -4.81
CA ASP A 246 14.17 -0.49 -5.00
C ASP A 246 13.64 -1.06 -6.31
N ILE A 247 12.38 -1.48 -6.32
CA ILE A 247 11.79 -1.97 -7.56
C ILE A 247 10.29 -1.68 -7.57
N VAL A 248 9.78 -1.41 -8.76
CA VAL A 248 8.35 -1.33 -9.03
C VAL A 248 8.06 -2.27 -10.17
N VAL A 249 7.16 -3.22 -9.97
CA VAL A 249 6.81 -4.17 -10.99
C VAL A 249 5.31 -4.29 -11.08
N VAL A 250 4.85 -4.66 -12.27
CA VAL A 250 3.48 -5.10 -12.49
C VAL A 250 3.52 -6.60 -12.72
N GLY A 251 2.80 -7.34 -11.89
CA GLY A 251 2.66 -8.77 -12.04
C GLY A 251 1.29 -9.10 -12.58
N ARG A 252 1.25 -10.03 -13.53
CA ARG A 252 0.01 -10.46 -14.13
C ARG A 252 -0.05 -11.97 -14.14
N ALA A 253 -1.16 -12.49 -13.65
CA ALA A 253 -1.43 -13.91 -13.58
C ALA A 253 -2.41 -14.29 -14.66
N ARG A 254 -2.47 -15.59 -14.90
CA ARG A 254 -3.50 -16.13 -15.76
C ARG A 254 -4.85 -16.03 -15.08
N SAH B . 1.19 2.18 0.86
CA SAH B . 1.63 3.48 1.36
CB SAH B . 2.13 3.41 2.79
CG SAH B . 3.33 2.49 3.00
SD SAH B . 3.93 2.54 4.70
C SAH B . 2.76 4.00 0.48
O SAH B . 3.19 5.15 0.64
OXT SAH B . 3.22 3.27 -0.39
C5' SAH B . 3.27 0.95 5.27
C4' SAH B . 1.78 0.97 5.62
O4' SAH B . 1.36 -0.38 5.78
C3' SAH B . 1.48 1.69 6.94
O3' SAH B . 0.28 2.41 6.89
C2' SAH B . 1.44 0.53 7.92
O2' SAH B . 0.73 0.77 9.13
C1' SAH B . 0.80 -0.56 7.06
N9 SAH B . 1.07 -1.92 7.51
C8 SAH B . 2.26 -2.44 7.94
N7 SAH B . 2.12 -3.74 8.23
C5 SAH B . 0.83 -4.06 7.99
C6 SAH B . 0.09 -5.24 8.13
N6 SAH B . 0.62 -6.37 8.58
N1 SAH B . -1.22 -5.23 7.77
C2 SAH B . -1.81 -4.09 7.33
N3 SAH B . -1.15 -2.90 7.20
C4 SAH B . 0.16 -2.93 7.53
H2 SAH B . -2.87 -4.12 7.06
HN1 SAH B . 0.79 1.69 1.45
HN2 SAH B . 0.67 2.22 0.18
HA SAH B . 0.89 4.11 1.31
HB1 SAH B . 1.30 3.07 3.42
HB2 SAH B . 2.39 4.42 3.12
HG1 SAH B . 4.12 2.79 2.33
HG2 SAH B . 3.04 1.48 2.74
H5'1 SAH B . 3.83 0.62 6.14
H5'2 SAH B . 3.43 0.21 4.49
H4' SAH B . 1.23 1.45 4.82
H3' SAH B . 2.32 2.35 7.19
HO3' SAH B . -0.37 2.00 7.51
H2' SAH B . 2.46 0.24 8.15
HO2' SAH B . -0.04 0.17 9.18
H1' SAH B . -0.27 -0.38 7.03
H8 SAH B . 3.19 -1.87 8.03
HN61 SAH B . 1.60 -6.42 8.85
HN62 SAH B . 0.04 -7.21 8.66
#